data_3RKG
#
_entry.id   3RKG
#
_cell.length_a   54.880
_cell.length_b   61.880
_cell.length_c   85.450
_cell.angle_alpha   90.00
_cell.angle_beta   90.00
_cell.angle_gamma   90.00
#
_symmetry.space_group_name_H-M   'P 21 21 21'
#
loop_
_entity.id
_entity.type
_entity.pdbx_description
1 polymer 'Magnesium transporter MRS2, mitochondrial'
2 non-polymer 1,2-ETHANEDIOL
3 water water
#
_entity_poly.entity_id   1
_entity_poly.type   'polypeptide(L)'
_entity_poly.pdbx_seq_one_letter_code
;KQLLSLKPISASDSLFISCTVFNSKGNIISMSEKFPKWSFLTEHSLFPRDLRKIDNSSIDIIPTIMCKPNCIVINLLHIK
ALIERDKVYVFDTTNPSAAAKLSVLMYDLESKLSSTKNNSQFYEHRALESIFINVMSALETDFKLHSQICIQILNDLENE
VNRLKLRHLLIKSKDLTLFYQKTLLIRDLLDELLENDDDLANMYLTVKKSPKDNFSDLEMLIETYYTQCDEYVQQSESLI
QDIKSTEEIVNIILDANRNSL
;
_entity_poly.pdbx_strand_id   A
#
# COMPACT_ATOMS: atom_id res chain seq x y z
N LYS A 1 -17.86 30.47 4.64
CA LYS A 1 -19.14 31.14 4.87
C LYS A 1 -19.69 31.75 3.59
N GLN A 2 -18.95 32.71 3.04
CA GLN A 2 -19.42 33.45 1.88
C GLN A 2 -18.59 33.20 0.62
N LEU A 3 -19.20 33.45 -0.54
CA LEU A 3 -18.53 33.28 -1.82
C LEU A 3 -17.57 34.42 -2.08
N LEU A 4 -16.35 34.08 -2.51
CA LEU A 4 -15.36 35.06 -2.89
C LEU A 4 -14.73 34.56 -4.18
N SER A 5 -14.08 35.45 -4.92
CA SER A 5 -13.30 35.02 -6.07
C SER A 5 -12.32 33.94 -5.62
N LEU A 6 -12.22 32.88 -6.40
CA LEU A 6 -11.32 31.76 -6.08
C LEU A 6 -9.89 32.06 -6.53
N LYS A 7 -8.91 31.44 -5.89
CA LYS A 7 -7.53 31.50 -6.35
C LYS A 7 -7.46 30.95 -7.77
N PRO A 8 -6.69 31.61 -8.65
CA PRO A 8 -6.55 31.15 -10.04
C PRO A 8 -6.03 29.72 -10.10
N ILE A 9 -6.63 28.90 -10.96
CA ILE A 9 -6.22 27.50 -11.14
C ILE A 9 -6.19 27.14 -12.63
N SER A 10 -5.39 26.15 -12.99
CA SER A 10 -5.21 25.80 -14.41
C SER A 10 -6.43 25.07 -14.98
N ALA A 11 -7.17 24.40 -14.11
CA ALA A 11 -8.34 23.62 -14.55
C ALA A 11 -9.36 23.45 -13.44
N SER A 12 -10.61 23.75 -13.75
CA SER A 12 -11.66 23.70 -12.74
C SER A 12 -11.94 22.27 -12.29
N ASP A 13 -11.38 21.29 -13.01
CA ASP A 13 -11.47 19.89 -12.59
C ASP A 13 -10.77 19.73 -11.25
N SER A 14 -9.92 20.69 -10.91
CA SER A 14 -9.16 20.65 -9.67
CA SER A 14 -9.16 20.64 -9.67
C SER A 14 -10.04 20.85 -8.44
N LEU A 15 -11.32 21.19 -8.65
CA LEU A 15 -12.26 21.33 -7.54
C LEU A 15 -12.90 19.99 -7.17
N PHE A 16 -12.58 18.96 -7.96
CA PHE A 16 -13.17 17.64 -7.80
C PHE A 16 -12.11 16.58 -7.56
N ILE A 17 -12.51 15.48 -6.92
CA ILE A 17 -11.74 14.25 -6.98
C ILE A 17 -12.52 13.29 -7.87
N SER A 18 -11.82 12.35 -8.48
N SER A 18 -11.81 12.33 -8.44
CA SER A 18 -12.48 11.38 -9.34
CA SER A 18 -12.37 11.37 -9.39
C SER A 18 -12.17 9.98 -8.86
C SER A 18 -12.11 9.95 -8.91
N CYS A 19 -13.09 9.06 -9.10
CA CYS A 19 -12.95 7.71 -8.58
C CYS A 19 -13.82 6.68 -9.29
N THR A 20 -13.56 5.42 -8.96
CA THR A 20 -14.38 4.30 -9.38
C THR A 20 -15.23 3.90 -8.18
N VAL A 21 -16.51 3.66 -8.43
CA VAL A 21 -17.46 3.33 -7.38
C VAL A 21 -18.05 1.94 -7.56
N PHE A 22 -18.01 1.17 -6.48
CA PHE A 22 -18.59 -0.17 -6.42
C PHE A 22 -19.86 -0.12 -5.59
N ASN A 23 -20.93 -0.75 -6.07
CA ASN A 23 -22.20 -0.75 -5.35
C ASN A 23 -22.28 -1.87 -4.32
N SER A 24 -23.45 -2.03 -3.71
CA SER A 24 -23.62 -2.98 -2.61
C SER A 24 -23.54 -4.43 -3.09
N LYS A 25 -23.72 -4.63 -4.39
CA LYS A 25 -23.58 -5.96 -4.99
C LYS A 25 -22.14 -6.26 -5.37
N GLY A 26 -21.26 -5.27 -5.18
CA GLY A 26 -19.86 -5.42 -5.52
C GLY A 26 -19.54 -5.11 -6.97
N ASN A 27 -20.54 -4.64 -7.71
CA ASN A 27 -20.34 -4.28 -9.12
C ASN A 27 -19.88 -2.85 -9.30
N ILE A 28 -19.03 -2.63 -10.30
CA ILE A 28 -18.60 -1.27 -10.67
C ILE A 28 -19.77 -0.55 -11.34
N ILE A 29 -20.15 0.60 -10.79
CA ILE A 29 -21.28 1.36 -11.33
C ILE A 29 -20.86 2.69 -11.96
N SER A 30 -19.61 3.08 -11.73
CA SER A 30 -19.06 4.27 -12.37
C SER A 30 -17.55 4.26 -12.37
N MET A 31 -16.96 4.86 -13.39
CA MET A 31 -15.53 5.11 -13.45
C MET A 31 -15.28 6.58 -13.80
N SER A 32 -14.20 7.14 -13.27
CA SER A 32 -13.90 8.55 -13.49
C SER A 32 -15.04 9.45 -13.00
N GLU A 33 -15.76 9.02 -11.97
CA GLU A 33 -16.84 9.84 -11.44
C GLU A 33 -16.32 10.95 -10.55
N LYS A 34 -16.79 12.17 -10.79
CA LYS A 34 -16.30 13.33 -10.07
C LYS A 34 -17.18 13.70 -8.88
N PHE A 35 -16.54 13.97 -7.75
CA PHE A 35 -17.20 14.45 -6.56
C PHE A 35 -16.54 15.74 -6.13
N PRO A 36 -17.35 16.76 -5.78
CA PRO A 36 -16.79 18.03 -5.28
C PRO A 36 -15.92 17.72 -4.06
N LYS A 37 -14.64 18.12 -4.09
CA LYS A 37 -13.67 17.56 -3.16
C LYS A 37 -13.81 17.97 -1.70
N TRP A 38 -14.01 19.26 -1.44
CA TRP A 38 -14.17 19.74 -0.07
C TRP A 38 -15.46 19.19 0.55
N SER A 39 -16.52 19.14 -0.26
CA SER A 39 -17.78 18.57 0.21
C SER A 39 -17.63 17.10 0.51
N PHE A 40 -16.97 16.37 -0.39
CA PHE A 40 -16.76 14.93 -0.21
C PHE A 40 -16.00 14.64 1.08
N LEU A 41 -14.94 15.40 1.34
CA LEU A 41 -14.18 15.24 2.57
C LEU A 41 -15.10 15.41 3.80
N THR A 42 -15.83 16.51 3.82
CA THR A 42 -16.76 16.81 4.91
C THR A 42 -17.79 15.69 5.11
N GLU A 43 -18.35 15.20 4.01
CA GLU A 43 -19.36 14.16 4.07
CA GLU A 43 -19.36 14.15 4.07
C GLU A 43 -18.83 12.90 4.72
N HIS A 44 -17.54 12.65 4.52
CA HIS A 44 -16.90 11.43 5.03
C HIS A 44 -16.05 11.68 6.27
N SER A 45 -16.32 12.80 6.93
CA SER A 45 -15.72 13.12 8.22
C SER A 45 -14.19 13.26 8.16
N LEU A 46 -13.70 13.88 7.09
CA LEU A 46 -12.28 14.16 6.93
C LEU A 46 -12.09 15.67 6.86
N PHE A 47 -10.96 16.14 7.37
CA PHE A 47 -10.64 17.56 7.36
C PHE A 47 -9.89 17.94 6.08
N PRO A 48 -9.86 19.23 5.76
CA PRO A 48 -9.18 19.67 4.54
C PRO A 48 -7.74 19.18 4.43
N ARG A 49 -7.03 19.06 5.55
CA ARG A 49 -5.66 18.56 5.49
C ARG A 49 -5.57 17.07 5.12
N ASP A 50 -6.71 16.37 5.13
CA ASP A 50 -6.80 14.97 4.72
C ASP A 50 -7.00 14.82 3.21
N LEU A 51 -7.02 15.92 2.47
CA LEU A 51 -7.24 15.85 1.02
C LEU A 51 -6.31 14.84 0.34
N ARG A 52 -5.05 14.80 0.78
CA ARG A 52 -4.06 13.91 0.15
C ARG A 52 -4.41 12.44 0.31
N LYS A 53 -5.30 12.12 1.24
CA LYS A 53 -5.67 10.73 1.46
CA LYS A 53 -5.70 10.73 1.48
C LYS A 53 -6.65 10.22 0.41
N ILE A 54 -7.21 11.13 -0.39
CA ILE A 54 -8.15 10.75 -1.45
C ILE A 54 -7.86 11.38 -2.83
N ASP A 55 -6.93 12.33 -2.90
CA ASP A 55 -6.68 13.02 -4.18
C ASP A 55 -5.76 12.27 -5.14
N ASN A 56 -5.41 12.89 -6.27
CA ASN A 56 -4.67 12.17 -7.28
C ASN A 56 -3.15 12.22 -7.15
N SER A 57 -2.66 12.79 -6.06
CA SER A 57 -1.23 12.89 -5.81
C SER A 57 -0.64 11.54 -5.45
N SER A 58 0.64 11.35 -5.74
CA SER A 58 1.26 10.05 -5.53
C SER A 58 2.65 10.18 -4.91
N ILE A 59 3.00 11.39 -4.48
CA ILE A 59 4.25 11.62 -3.78
C ILE A 59 4.01 11.97 -2.31
N ASP A 60 4.82 11.36 -1.44
CA ASP A 60 4.73 11.61 0.00
C ASP A 60 3.43 11.11 0.60
N ILE A 61 2.90 10.03 0.06
CA ILE A 61 1.69 9.42 0.61
C ILE A 61 2.08 8.44 1.70
N ILE A 62 1.74 8.76 2.94
CA ILE A 62 2.02 7.89 4.08
C ILE A 62 1.00 6.76 4.14
N PRO A 63 1.46 5.52 4.40
CA PRO A 63 0.48 4.44 4.54
C PRO A 63 -0.47 4.72 5.69
N THR A 64 -1.75 4.43 5.47
CA THR A 64 -2.80 4.75 6.42
CA THR A 64 -2.71 4.62 6.52
C THR A 64 -3.92 3.71 6.39
N ILE A 65 -4.44 3.33 7.55
CA ILE A 65 -5.70 2.60 7.64
C ILE A 65 -6.49 3.27 8.75
N MET A 66 -7.46 4.09 8.38
CA MET A 66 -8.26 4.85 9.34
C MET A 66 -9.57 4.12 9.55
N CYS A 67 -9.78 3.65 10.77
CA CYS A 67 -10.97 2.84 11.07
C CYS A 67 -12.02 3.74 11.68
N LYS A 68 -12.78 4.43 10.82
CA LYS A 68 -13.79 5.39 11.25
C LYS A 68 -15.13 4.69 11.50
N PRO A 69 -16.07 5.39 12.16
CA PRO A 69 -17.32 4.71 12.53
C PRO A 69 -18.08 4.06 11.35
N ASN A 70 -18.08 4.70 10.19
CA ASN A 70 -18.86 4.21 9.07
C ASN A 70 -18.03 3.86 7.83
N CYS A 71 -16.71 3.95 7.95
CA CYS A 71 -15.87 3.60 6.81
C CYS A 71 -14.44 3.30 7.22
N ILE A 72 -13.73 2.62 6.33
CA ILE A 72 -12.29 2.41 6.47
C ILE A 72 -11.60 3.16 5.35
N VAL A 73 -10.72 4.09 5.71
CA VAL A 73 -9.94 4.84 4.71
C VAL A 73 -8.56 4.21 4.60
N ILE A 74 -8.18 3.82 3.39
CA ILE A 74 -6.93 3.12 3.16
C ILE A 74 -6.04 3.86 2.18
N ASN A 75 -4.79 4.07 2.56
CA ASN A 75 -3.74 4.46 1.61
C ASN A 75 -2.62 3.43 1.74
N LEU A 76 -2.38 2.66 0.69
CA LEU A 76 -1.28 1.69 0.67
C LEU A 76 -0.74 1.63 -0.74
N LEU A 77 0.54 1.97 -0.89
CA LEU A 77 1.18 2.00 -2.20
C LEU A 77 0.35 2.80 -3.21
N HIS A 78 -0.03 2.18 -4.32
CA HIS A 78 -0.78 2.86 -5.37
C HIS A 78 -2.27 3.03 -5.05
N ILE A 79 -2.70 2.46 -3.92
CA ILE A 79 -4.13 2.42 -3.63
C ILE A 79 -4.59 3.47 -2.60
N LYS A 80 -5.54 4.30 -3.01
CA LYS A 80 -6.32 5.10 -2.07
C LYS A 80 -7.76 4.65 -2.21
N ALA A 81 -8.39 4.30 -1.10
CA ALA A 81 -9.74 3.77 -1.14
C ALA A 81 -10.52 4.10 0.13
N LEU A 82 -11.84 4.12 0.01
CA LEU A 82 -12.70 4.34 1.15
C LEU A 82 -13.74 3.23 1.09
N ILE A 83 -13.77 2.42 2.14
CA ILE A 83 -14.63 1.23 2.21
C ILE A 83 -15.78 1.48 3.18
N GLU A 84 -17.01 1.26 2.71
CA GLU A 84 -18.19 1.28 3.57
C GLU A 84 -18.80 -0.12 3.58
N ARG A 85 -19.87 -0.30 4.35
CA ARG A 85 -20.48 -1.63 4.47
C ARG A 85 -21.16 -2.07 3.17
N ASP A 86 -21.41 -1.13 2.26
CA ASP A 86 -22.20 -1.41 1.07
C ASP A 86 -21.75 -0.58 -0.14
N LYS A 87 -20.53 -0.05 -0.08
CA LYS A 87 -19.98 0.73 -1.17
C LYS A 87 -18.46 0.78 -1.03
N VAL A 88 -17.75 0.89 -2.15
CA VAL A 88 -16.31 1.14 -2.12
C VAL A 88 -15.97 2.24 -3.13
N TYR A 89 -15.14 3.18 -2.71
CA TYR A 89 -14.56 4.18 -3.62
C TYR A 89 -13.08 3.84 -3.80
N VAL A 90 -12.62 3.76 -5.04
CA VAL A 90 -11.19 3.67 -5.32
C VAL A 90 -10.77 4.90 -6.13
N PHE A 91 -9.85 5.69 -5.58
CA PHE A 91 -9.58 7.01 -6.12
C PHE A 91 -8.60 7.01 -7.29
N ASP A 92 -8.78 7.96 -8.19
CA ASP A 92 -7.93 8.06 -9.38
C ASP A 92 -6.56 8.62 -9.04
N THR A 93 -5.64 8.50 -10.00
CA THR A 93 -4.26 8.93 -9.81
C THR A 93 -3.73 9.59 -11.09
N THR A 94 -2.72 10.44 -10.95
CA THR A 94 -2.05 11.00 -12.12
C THR A 94 -0.80 10.19 -12.47
N ASN A 95 -0.47 9.21 -11.64
CA ASN A 95 0.72 8.37 -11.86
C ASN A 95 0.39 7.21 -12.78
N PRO A 96 1.00 7.17 -13.97
CA PRO A 96 0.68 6.12 -14.95
C PRO A 96 0.91 4.72 -14.42
N SER A 97 2.04 4.48 -13.76
CA SER A 97 2.33 3.17 -13.21
C SER A 97 1.25 2.74 -12.23
N ALA A 98 0.85 3.66 -11.36
CA ALA A 98 -0.19 3.37 -10.38
C ALA A 98 -1.52 3.06 -11.07
N ALA A 99 -1.83 3.84 -12.10
CA ALA A 99 -3.09 3.64 -12.84
C ALA A 99 -3.15 2.23 -13.44
N ALA A 100 -2.03 1.76 -13.98
CA ALA A 100 -2.00 0.42 -14.54
C ALA A 100 -2.28 -0.63 -13.47
N LYS A 101 -1.65 -0.48 -12.30
CA LYS A 101 -1.89 -1.42 -11.21
C LYS A 101 -3.33 -1.35 -10.71
N LEU A 102 -3.89 -0.14 -10.67
CA LEU A 102 -5.27 0.03 -10.20
C LEU A 102 -6.27 -0.67 -11.12
N SER A 103 -5.93 -0.77 -12.40
CA SER A 103 -6.83 -1.44 -13.33
CA SER A 103 -6.80 -1.45 -13.35
C SER A 103 -6.99 -2.93 -13.00
N VAL A 104 -5.91 -3.55 -12.53
CA VAL A 104 -5.95 -4.95 -12.12
C VAL A 104 -6.72 -5.08 -10.80
N LEU A 105 -6.46 -4.16 -9.88
CA LEU A 105 -7.22 -4.13 -8.63
C LEU A 105 -8.73 -4.06 -8.87
N MET A 106 -9.15 -3.18 -9.78
N MET A 106 -9.16 -3.21 -9.79
CA MET A 106 -10.58 -3.03 -10.08
CA MET A 106 -10.60 -3.04 -10.03
C MET A 106 -11.20 -4.36 -10.45
C MET A 106 -11.24 -4.33 -10.51
N TYR A 107 -10.54 -5.08 -11.36
CA TYR A 107 -11.01 -6.36 -11.83
C TYR A 107 -11.11 -7.37 -10.69
N ASP A 108 -10.04 -7.48 -9.90
CA ASP A 108 -9.99 -8.48 -8.84
C ASP A 108 -10.97 -8.13 -7.72
N LEU A 109 -11.03 -6.84 -7.40
CA LEU A 109 -11.92 -6.36 -6.36
C LEU A 109 -13.38 -6.63 -6.74
N GLU A 110 -13.73 -6.35 -7.99
CA GLU A 110 -15.10 -6.59 -8.43
C GLU A 110 -15.44 -8.07 -8.32
N SER A 111 -14.51 -8.91 -8.72
CA SER A 111 -14.69 -10.36 -8.65
C SER A 111 -14.94 -10.84 -7.22
N LYS A 112 -14.10 -10.39 -6.29
CA LYS A 112 -14.15 -10.89 -4.92
C LYS A 112 -15.33 -10.29 -4.16
N LEU A 113 -15.61 -9.02 -4.43
CA LEU A 113 -16.64 -8.29 -3.72
C LEU A 113 -18.03 -8.76 -4.15
N SER A 114 -18.19 -9.04 -5.44
CA SER A 114 -19.49 -9.39 -5.99
C SER A 114 -19.78 -10.88 -5.94
N SER A 115 -18.76 -11.67 -5.60
CA SER A 115 -18.89 -13.12 -5.58
C SER A 115 -20.11 -13.61 -4.81
N THR A 116 -20.83 -14.56 -5.40
CA THR A 116 -21.96 -15.19 -4.73
C THR A 116 -21.52 -16.48 -4.04
N LYS A 117 -20.23 -16.79 -4.16
CA LYS A 117 -19.67 -17.98 -3.53
C LYS A 117 -19.14 -17.61 -2.15
N ASN A 118 -18.65 -16.39 -2.01
CA ASN A 118 -18.17 -15.88 -0.73
C ASN A 118 -19.25 -15.07 -0.02
N ASN A 119 -20.17 -15.76 0.66
CA ASN A 119 -21.19 -15.10 1.46
C ASN A 119 -20.94 -15.31 2.94
N SER A 120 -19.75 -15.79 3.26
CA SER A 120 -19.35 -15.99 4.65
C SER A 120 -18.60 -14.76 5.18
N GLN A 121 -18.02 -14.00 4.27
CA GLN A 121 -17.18 -12.88 4.64
C GLN A 121 -17.92 -11.54 4.41
N PHE A 122 -17.90 -10.67 5.42
CA PHE A 122 -18.50 -9.34 5.29
C PHE A 122 -17.95 -8.56 4.09
N TYR A 123 -18.84 -7.82 3.43
CA TYR A 123 -18.50 -6.98 2.29
C TYR A 123 -17.24 -6.17 2.52
N GLU A 124 -17.17 -5.46 3.64
CA GLU A 124 -16.06 -4.55 3.88
C GLU A 124 -14.73 -5.30 4.02
N HIS A 125 -14.79 -6.54 4.49
CA HIS A 125 -13.60 -7.35 4.66
C HIS A 125 -13.18 -8.07 3.37
N ARG A 126 -14.15 -8.34 2.51
CA ARG A 126 -13.83 -8.77 1.16
C ARG A 126 -13.06 -7.66 0.43
N ALA A 127 -13.51 -6.42 0.58
CA ALA A 127 -12.82 -5.30 -0.02
C ALA A 127 -11.43 -5.14 0.59
N LEU A 128 -11.35 -5.21 1.91
CA LEU A 128 -10.07 -5.09 2.59
C LEU A 128 -9.07 -6.14 2.12
N GLU A 129 -9.54 -7.38 2.03
CA GLU A 129 -8.67 -8.47 1.63
C GLU A 129 -8.19 -8.33 0.19
N SER A 130 -9.10 -7.92 -0.69
N SER A 130 -9.10 -7.93 -0.71
CA SER A 130 -8.75 -7.68 -2.10
CA SER A 130 -8.73 -7.72 -2.10
C SER A 130 -7.61 -6.68 -2.19
C SER A 130 -7.61 -6.67 -2.20
N ILE A 131 -7.73 -5.60 -1.41
CA ILE A 131 -6.73 -4.56 -1.38
C ILE A 131 -5.38 -5.09 -0.84
N PHE A 132 -5.43 -5.83 0.28
CA PHE A 132 -4.20 -6.41 0.84
C PHE A 132 -3.52 -7.32 -0.19
N ILE A 133 -4.31 -8.16 -0.86
CA ILE A 133 -3.76 -9.07 -1.86
C ILE A 133 -3.07 -8.28 -2.98
N ASN A 134 -3.71 -7.21 -3.43
CA ASN A 134 -3.16 -6.40 -4.51
C ASN A 134 -1.88 -5.68 -4.07
N VAL A 135 -1.87 -5.18 -2.85
CA VAL A 135 -0.66 -4.58 -2.27
C VAL A 135 0.48 -5.59 -2.21
N MET A 136 0.21 -6.78 -1.69
CA MET A 136 1.26 -7.80 -1.55
C MET A 136 1.83 -8.26 -2.89
N SER A 137 0.99 -8.30 -3.92
N SER A 137 0.99 -8.27 -3.92
CA SER A 137 1.45 -8.64 -5.27
CA SER A 137 1.44 -8.62 -5.26
C SER A 137 2.44 -7.60 -5.78
C SER A 137 2.44 -7.60 -5.78
N ALA A 138 2.16 -6.33 -5.54
CA ALA A 138 3.08 -5.26 -5.92
C ALA A 138 4.41 -5.38 -5.16
N LEU A 139 4.33 -5.64 -3.85
CA LEU A 139 5.55 -5.82 -3.06
C LEU A 139 6.33 -7.05 -3.52
N GLU A 140 5.62 -8.14 -3.81
CA GLU A 140 6.25 -9.36 -4.29
C GLU A 140 7.07 -9.11 -5.55
N THR A 141 6.45 -8.41 -6.51
CA THR A 141 7.11 -8.13 -7.77
C THR A 141 8.38 -7.30 -7.56
N ASP A 142 8.28 -6.26 -6.74
CA ASP A 142 9.43 -5.39 -6.49
C ASP A 142 10.51 -6.12 -5.71
N PHE A 143 10.10 -6.89 -4.71
CA PHE A 143 11.06 -7.63 -3.90
C PHE A 143 11.86 -8.61 -4.75
N LYS A 144 11.16 -9.36 -5.59
CA LYS A 144 11.83 -10.34 -6.44
C LYS A 144 12.78 -9.66 -7.42
N LEU A 145 12.34 -8.55 -8.01
CA LEU A 145 13.17 -7.81 -8.96
C LEU A 145 14.49 -7.36 -8.31
N HIS A 146 14.40 -6.61 -7.22
CA HIS A 146 15.58 -5.99 -6.63
C HIS A 146 16.46 -6.99 -5.88
N SER A 147 15.86 -7.93 -5.17
CA SER A 147 16.67 -8.89 -4.43
C SER A 147 17.43 -9.83 -5.35
N GLN A 148 16.80 -10.25 -6.45
CA GLN A 148 17.46 -11.17 -7.36
C GLN A 148 18.66 -10.54 -8.06
N ILE A 149 18.53 -9.29 -8.47
CA ILE A 149 19.65 -8.57 -9.07
CA ILE A 149 19.66 -8.62 -9.09
C ILE A 149 20.80 -8.43 -8.08
N CYS A 150 20.47 -8.04 -6.85
CA CYS A 150 21.49 -7.83 -5.82
C CYS A 150 22.21 -9.13 -5.46
N ILE A 151 21.46 -10.23 -5.36
CA ILE A 151 22.06 -11.52 -5.07
C ILE A 151 23.02 -11.91 -6.19
N GLN A 152 22.61 -11.70 -7.44
CA GLN A 152 23.46 -11.98 -8.58
C GLN A 152 24.79 -11.22 -8.52
N ILE A 153 24.73 -9.91 -8.24
CA ILE A 153 25.94 -9.11 -8.19
C ILE A 153 26.82 -9.52 -7.00
N LEU A 154 26.20 -9.80 -5.85
CA LEU A 154 26.95 -10.27 -4.69
C LEU A 154 27.71 -11.57 -5.01
N ASN A 155 27.03 -12.50 -5.68
CA ASN A 155 27.67 -13.76 -6.06
C ASN A 155 28.84 -13.51 -7.00
N ASP A 156 28.65 -12.58 -7.93
CA ASP A 156 29.68 -12.20 -8.91
CA ASP A 156 29.69 -12.25 -8.89
C ASP A 156 30.92 -11.66 -8.20
N LEU A 157 30.69 -10.81 -7.20
CA LEU A 157 31.78 -10.18 -6.43
C LEU A 157 32.52 -11.17 -5.55
N GLU A 158 31.81 -12.14 -4.98
CA GLU A 158 32.44 -13.16 -4.16
C GLU A 158 33.39 -14.00 -5.00
N ASN A 159 33.04 -14.19 -6.27
CA ASN A 159 33.89 -14.93 -7.21
C ASN A 159 35.12 -14.13 -7.61
N GLU A 160 34.93 -12.83 -7.82
CA GLU A 160 36.03 -11.94 -8.20
C GLU A 160 35.70 -10.48 -7.92
N VAL A 161 36.54 -9.83 -7.13
CA VAL A 161 36.37 -8.41 -6.84
C VAL A 161 36.50 -7.58 -8.12
N ASN A 162 35.55 -6.69 -8.32
CA ASN A 162 35.51 -5.86 -9.51
C ASN A 162 34.87 -4.52 -9.17
N ARG A 163 35.53 -3.43 -9.52
CA ARG A 163 35.04 -2.10 -9.15
C ARG A 163 33.72 -1.74 -9.85
N LEU A 164 33.59 -2.09 -11.12
CA LEU A 164 32.36 -1.83 -11.86
C LEU A 164 31.18 -2.60 -11.27
N LYS A 165 31.43 -3.85 -10.88
CA LYS A 165 30.40 -4.65 -10.21
C LYS A 165 30.03 -3.99 -8.90
N LEU A 166 31.02 -3.50 -8.16
CA LEU A 166 30.75 -2.88 -6.86
C LEU A 166 29.87 -1.63 -7.03
N ARG A 167 30.19 -0.80 -8.01
CA ARG A 167 29.37 0.38 -8.28
C ARG A 167 27.95 -0.03 -8.65
N HIS A 168 27.82 -1.02 -9.51
CA HIS A 168 26.52 -1.54 -9.91
C HIS A 168 25.72 -2.00 -8.69
N LEU A 169 26.37 -2.72 -7.79
CA LEU A 169 25.71 -3.26 -6.62
C LEU A 169 25.13 -2.15 -5.74
N LEU A 170 25.93 -1.11 -5.52
CA LEU A 170 25.51 -0.05 -4.62
C LEU A 170 24.40 0.80 -5.23
N ILE A 171 24.41 0.93 -6.56
CA ILE A 171 23.31 1.57 -7.27
C ILE A 171 22.01 0.78 -7.12
N LYS A 172 22.11 -0.54 -7.33
CA LYS A 172 20.95 -1.41 -7.20
C LYS A 172 20.48 -1.46 -5.74
N SER A 173 21.42 -1.28 -4.82
CA SER A 173 21.10 -1.29 -3.40
C SER A 173 20.16 -0.14 -3.04
N LYS A 174 20.25 0.97 -3.76
CA LYS A 174 19.37 2.11 -3.52
C LYS A 174 17.90 1.70 -3.69
N ASP A 175 17.63 0.92 -4.74
CA ASP A 175 16.28 0.43 -5.00
C ASP A 175 15.82 -0.50 -3.87
N LEU A 176 16.73 -1.37 -3.43
CA LEU A 176 16.40 -2.31 -2.37
C LEU A 176 16.08 -1.55 -1.08
N THR A 177 16.85 -0.50 -0.81
CA THR A 177 16.65 0.32 0.36
C THR A 177 15.33 1.09 0.32
N LEU A 178 14.99 1.66 -0.83
CA LEU A 178 13.69 2.31 -0.98
C LEU A 178 12.57 1.29 -0.76
N PHE A 179 12.75 0.09 -1.28
CA PHE A 179 11.77 -0.97 -1.07
C PHE A 179 11.61 -1.28 0.41
N TYR A 180 12.74 -1.43 1.10
CA TYR A 180 12.72 -1.74 2.53
C TYR A 180 11.97 -0.67 3.32
N GLN A 181 12.26 0.59 3.03
CA GLN A 181 11.65 1.71 3.75
C GLN A 181 10.12 1.77 3.58
N LYS A 182 9.63 1.60 2.36
CA LYS A 182 8.19 1.69 2.15
C LYS A 182 7.48 0.48 2.75
N THR A 183 8.13 -0.68 2.69
CA THR A 183 7.55 -1.92 3.21
C THR A 183 7.53 -1.88 4.73
N LEU A 184 8.58 -1.31 5.31
CA LEU A 184 8.66 -1.15 6.76
C LEU A 184 7.49 -0.33 7.32
N LEU A 185 7.15 0.76 6.64
CA LEU A 185 6.02 1.57 7.08
C LEU A 185 4.72 0.77 7.09
N ILE A 186 4.52 -0.05 6.07
CA ILE A 186 3.30 -0.86 5.98
C ILE A 186 3.30 -1.93 7.07
N ARG A 187 4.44 -2.58 7.28
CA ARG A 187 4.57 -3.59 8.32
C ARG A 187 4.23 -3.01 9.70
N ASP A 188 4.80 -1.86 10.00
CA ASP A 188 4.55 -1.23 11.30
C ASP A 188 3.10 -0.81 11.46
N LEU A 189 2.47 -0.36 10.37
CA LEU A 189 1.06 0.00 10.41
C LEU A 189 0.19 -1.20 10.73
N LEU A 190 0.45 -2.31 10.06
CA LEU A 190 -0.30 -3.55 10.31
C LEU A 190 -0.08 -4.06 11.73
N ASP A 191 1.14 -3.90 12.23
CA ASP A 191 1.42 -4.25 13.62
C ASP A 191 0.55 -3.44 14.58
N GLU A 192 0.50 -2.13 14.36
CA GLU A 192 -0.31 -1.26 15.22
C GLU A 192 -1.79 -1.64 15.20
N LEU A 193 -2.27 -1.98 14.02
CA LEU A 193 -3.67 -2.36 13.84
C LEU A 193 -3.99 -3.63 14.64
N LEU A 194 -3.14 -4.64 14.53
CA LEU A 194 -3.35 -5.89 15.24
C LEU A 194 -3.36 -5.71 16.77
N GLU A 195 -2.69 -4.66 17.25
CA GLU A 195 -2.58 -4.39 18.69
C GLU A 195 -3.66 -3.45 19.21
N ASN A 196 -4.56 -3.02 18.34
CA ASN A 196 -5.61 -2.07 18.74
C ASN A 196 -7.01 -2.65 18.59
N ASP A 197 -7.58 -3.13 19.69
CA ASP A 197 -8.90 -3.75 19.67
C ASP A 197 -10.03 -2.77 19.31
N ASP A 198 -9.83 -1.49 19.60
CA ASP A 198 -10.81 -0.48 19.27
C ASP A 198 -10.91 -0.31 17.75
N ASP A 199 -9.76 -0.23 17.09
CA ASP A 199 -9.72 -0.16 15.63
C ASP A 199 -10.25 -1.43 14.99
N LEU A 200 -9.81 -2.58 15.49
CA LEU A 200 -10.31 -3.86 14.99
C LEU A 200 -11.83 -3.96 15.09
N ALA A 201 -12.38 -3.64 16.26
CA ALA A 201 -13.83 -3.67 16.43
C ALA A 201 -14.50 -2.69 15.47
N ASN A 202 -13.88 -1.53 15.27
CA ASN A 202 -14.43 -0.53 14.35
C ASN A 202 -14.47 -0.99 12.90
N MET A 203 -13.62 -1.96 12.55
CA MET A 203 -13.55 -2.45 11.18
C MET A 203 -14.73 -3.30 10.78
N TYR A 204 -15.55 -3.69 11.76
CA TYR A 204 -16.81 -4.34 11.47
C TYR A 204 -17.87 -3.28 11.23
N LEU A 205 -18.23 -3.10 9.96
CA LEU A 205 -19.15 -2.04 9.55
C LEU A 205 -20.56 -2.58 9.35
N THR A 206 -20.66 -3.87 9.03
CA THR A 206 -21.96 -4.50 8.78
C THR A 206 -22.64 -4.89 10.09
N VAL A 207 -21.87 -5.47 11.00
CA VAL A 207 -22.36 -5.81 12.33
C VAL A 207 -21.58 -5.05 13.39
N LYS A 208 -22.26 -4.65 14.46
CA LYS A 208 -21.63 -3.88 15.52
C LYS A 208 -20.84 -4.78 16.48
N LYS A 209 -19.57 -4.48 16.68
CA LYS A 209 -18.72 -5.25 17.58
C LYS A 209 -18.15 -4.41 18.71
N SER A 210 -17.99 -5.03 19.86
CA SER A 210 -17.28 -4.43 20.97
CA SER A 210 -17.29 -4.44 20.98
C SER A 210 -15.84 -4.90 20.96
N PRO A 211 -14.92 -4.09 21.51
CA PRO A 211 -13.50 -4.44 21.59
C PRO A 211 -13.26 -5.78 22.29
N LYS A 212 -14.24 -6.22 23.08
CA LYS A 212 -14.07 -7.45 23.84
C LYS A 212 -14.59 -8.69 23.10
N ASP A 213 -15.18 -8.48 21.92
CA ASP A 213 -15.70 -9.59 21.13
C ASP A 213 -14.59 -10.37 20.46
N ASN A 214 -14.93 -11.53 19.92
CA ASN A 214 -14.00 -12.38 19.19
C ASN A 214 -13.81 -11.90 17.75
N PHE A 215 -12.58 -11.54 17.38
CA PHE A 215 -12.27 -11.07 16.03
C PHE A 215 -11.38 -12.06 15.30
N SER A 216 -11.37 -13.31 15.75
CA SER A 216 -10.44 -14.30 15.21
CA SER A 216 -10.45 -14.32 15.21
C SER A 216 -10.35 -14.29 13.69
N ASP A 217 -11.48 -14.27 13.00
CA ASP A 217 -11.50 -14.28 11.54
C ASP A 217 -10.82 -13.06 10.92
N LEU A 218 -11.12 -11.87 11.43
CA LEU A 218 -10.49 -10.65 10.93
C LEU A 218 -9.00 -10.64 11.27
N GLU A 219 -8.66 -11.08 12.49
CA GLU A 219 -7.27 -11.15 12.89
C GLU A 219 -6.47 -12.11 12.02
N MET A 220 -7.03 -13.29 11.72
CA MET A 220 -6.36 -14.26 10.88
C MET A 220 -6.08 -13.65 9.50
N LEU A 221 -7.05 -12.89 9.02
CA LEU A 221 -6.95 -12.24 7.73
C LEU A 221 -5.78 -11.25 7.73
N ILE A 222 -5.76 -10.35 8.71
CA ILE A 222 -4.70 -9.35 8.78
C ILE A 222 -3.33 -10.00 9.01
N GLU A 223 -3.29 -11.00 9.89
CA GLU A 223 -2.04 -11.70 10.19
C GLU A 223 -1.40 -12.27 8.93
N THR A 224 -2.24 -12.80 8.04
CA THR A 224 -1.76 -13.41 6.80
C THR A 224 -0.92 -12.41 6.00
N TYR A 225 -1.41 -11.19 5.89
CA TYR A 225 -0.73 -10.18 5.09
C TYR A 225 0.37 -9.49 5.89
N TYR A 226 0.19 -9.39 7.20
CA TYR A 226 1.28 -8.93 8.06
C TYR A 226 2.51 -9.81 7.88
N THR A 227 2.31 -11.12 7.95
CA THR A 227 3.42 -12.05 7.87
C THR A 227 4.17 -11.92 6.54
N GLN A 228 3.43 -11.81 5.45
CA GLN A 228 4.06 -11.68 4.15
C GLN A 228 4.88 -10.39 4.09
N CYS A 229 4.27 -9.31 4.55
CA CYS A 229 4.94 -8.01 4.58
CA CYS A 229 4.93 -8.01 4.60
C CYS A 229 6.19 -8.06 5.47
N ASP A 230 6.05 -8.64 6.65
CA ASP A 230 7.15 -8.72 7.59
C ASP A 230 8.31 -9.55 7.02
N GLU A 231 7.99 -10.60 6.30
CA GLU A 231 9.05 -11.42 5.71
C GLU A 231 9.83 -10.64 4.66
N TYR A 232 9.16 -9.79 3.88
CA TYR A 232 9.86 -8.89 2.95
C TYR A 232 10.77 -7.91 3.69
N VAL A 233 10.30 -7.39 4.83
CA VAL A 233 11.14 -6.52 5.65
C VAL A 233 12.38 -7.27 6.13
N GLN A 234 12.18 -8.46 6.68
CA GLN A 234 13.31 -9.26 7.19
C GLN A 234 14.31 -9.59 6.10
N GLN A 235 13.81 -10.06 4.95
CA GLN A 235 14.68 -10.47 3.85
CA GLN A 235 14.71 -10.47 3.88
C GLN A 235 15.44 -9.29 3.25
N SER A 236 14.76 -8.16 3.06
N SER A 236 14.75 -8.18 3.03
CA SER A 236 15.40 -6.99 2.48
CA SER A 236 15.40 -6.99 2.51
C SER A 236 16.41 -6.37 3.45
C SER A 236 16.48 -6.52 3.48
N GLU A 237 16.11 -6.42 4.74
CA GLU A 237 17.03 -5.94 5.76
C GLU A 237 18.31 -6.79 5.78
N SER A 238 18.16 -8.11 5.73
CA SER A 238 19.28 -9.02 5.75
CA SER A 238 19.29 -9.02 5.75
C SER A 238 20.16 -8.84 4.51
N LEU A 239 19.52 -8.67 3.36
CA LEU A 239 20.26 -8.50 2.12
C LEU A 239 21.02 -7.18 2.11
N ILE A 240 20.40 -6.11 2.63
CA ILE A 240 21.08 -4.82 2.78
C ILE A 240 22.30 -4.95 3.67
N GLN A 241 22.17 -5.70 4.76
CA GLN A 241 23.30 -5.94 5.65
C GLN A 241 24.40 -6.71 4.92
N ASP A 242 24.02 -7.68 4.10
CA ASP A 242 25.00 -8.42 3.29
C ASP A 242 25.77 -7.51 2.35
N ILE A 243 25.06 -6.55 1.76
CA ILE A 243 25.68 -5.59 0.87
C ILE A 243 26.68 -4.72 1.64
N LYS A 244 26.30 -4.26 2.83
CA LYS A 244 27.19 -3.44 3.64
C LYS A 244 28.44 -4.24 4.03
N SER A 245 28.25 -5.50 4.38
N SER A 245 28.24 -5.49 4.39
CA SER A 245 29.36 -6.36 4.75
CA SER A 245 29.36 -6.36 4.74
C SER A 245 30.30 -6.56 3.57
C SER A 245 30.30 -6.50 3.56
N THR A 246 29.74 -6.79 2.39
CA THR A 246 30.53 -6.95 1.17
C THR A 246 31.32 -5.68 0.83
N GLU A 247 30.68 -4.52 0.98
CA GLU A 247 31.37 -3.24 0.73
C GLU A 247 32.59 -3.11 1.64
N GLU A 248 32.42 -3.48 2.90
CA GLU A 248 33.52 -3.41 3.85
C GLU A 248 34.64 -4.40 3.51
N ILE A 249 34.26 -5.61 3.14
CA ILE A 249 35.25 -6.63 2.76
C ILE A 249 36.02 -6.20 1.53
N VAL A 250 35.30 -5.74 0.51
CA VAL A 250 35.94 -5.29 -0.72
C VAL A 250 36.88 -4.12 -0.43
N ASN A 251 36.45 -3.23 0.47
CA ASN A 251 37.27 -2.09 0.85
C ASN A 251 38.62 -2.51 1.41
N ILE A 252 38.60 -3.54 2.26
CA ILE A 252 39.82 -4.06 2.87
C ILE A 252 40.72 -4.69 1.80
N ILE A 253 40.14 -5.44 0.89
CA ILE A 253 40.90 -6.04 -0.20
CA ILE A 253 40.90 -6.05 -0.20
C ILE A 253 41.53 -4.97 -1.09
N LEU A 254 40.75 -3.94 -1.41
CA LEU A 254 41.27 -2.85 -2.23
C LEU A 254 42.44 -2.15 -1.51
N ASP A 255 42.30 -1.96 -0.20
CA ASP A 255 43.37 -1.34 0.56
C ASP A 255 44.64 -2.19 0.55
N ALA A 256 44.46 -3.50 0.71
CA ALA A 256 45.59 -4.41 0.82
C ALA A 256 46.42 -4.45 -0.45
N ASN A 257 45.82 -3.98 -1.55
CA ASN A 257 46.50 -3.94 -2.84
C ASN A 257 46.86 -2.53 -3.28
N ARG A 258 47.00 -1.62 -2.33
CA ARG A 258 47.37 -0.24 -2.64
C ARG A 258 48.88 -0.04 -2.50
#